data_2EBD
#
_entry.id   2EBD
#
_cell.length_a   70.699
_cell.length_b   71.657
_cell.length_c   129.659
_cell.angle_alpha   90.00
_cell.angle_beta   90.00
_cell.angle_gamma   90.00
#
_symmetry.space_group_name_H-M   'P 21 21 21'
#
loop_
_entity.id
_entity.type
_entity.pdbx_description
1 polymer '3-oxoacyl-[acyl-carrier-protein] synthase 3'
2 water water
#
_entity_poly.entity_id   1
_entity_poly.type   'polypeptide(L)'
_entity_poly.pdbx_seq_one_letter_code
;MGTKIIGTGVYLPKNVLTNFDLEKIVDTSDEWITTRTGIKERRIAKEETITYMATQAAKEALREANLSPEELDLIILATL
TPQKRFPSTACLVQAQLKAKGVYAFDISAACSGFIYALDIADSFIKSGKAKNVLVIGAEKLSEAVDWEDRSTCVLFGDGA
GAVVVTRSEDKSDILATRMYAEGSLEELLHADNCGYIRMKGRELFKVAVRSMEEVCREVLEKAGVKPEEVSLVIPHQANV
RIINALAEKLNIPKEKVFVNIQKYGNTSAASIPIALHEAIKEGKVKRGDLILMTAMGGGLTWGAVLLRY
;
_entity_poly.pdbx_strand_id   A,B
#
# COMPACT_ATOMS: atom_id res chain seq x y z
N MET A 1 21.50 13.19 10.91
CA MET A 1 20.24 13.81 10.42
C MET A 1 19.84 13.42 9.00
N GLY A 2 18.53 13.35 8.78
CA GLY A 2 18.02 13.09 7.45
C GLY A 2 17.87 11.74 6.79
N THR A 3 16.82 11.69 5.99
CA THR A 3 16.49 10.55 5.18
C THR A 3 17.37 10.87 3.99
N LYS A 4 18.33 10.01 3.73
CA LYS A 4 19.27 10.24 2.65
C LYS A 4 19.25 9.17 1.58
N ILE A 5 19.26 9.62 0.34
CA ILE A 5 19.27 8.71 -0.81
C ILE A 5 20.73 8.28 -0.99
N ILE A 6 20.98 6.98 -0.83
CA ILE A 6 22.34 6.48 -0.97
C ILE A 6 22.49 5.55 -2.17
N GLY A 7 21.41 5.39 -2.93
CA GLY A 7 21.46 4.54 -4.11
C GLY A 7 20.22 4.61 -4.98
N THR A 8 20.41 4.61 -6.29
CA THR A 8 19.27 4.65 -7.19
C THR A 8 19.55 3.68 -8.32
N GLY A 9 18.48 3.15 -8.92
CA GLY A 9 18.62 2.22 -10.01
C GLY A 9 17.33 2.18 -10.80
N VAL A 10 17.39 1.60 -11.99
CA VAL A 10 16.21 1.52 -12.84
C VAL A 10 16.30 0.30 -13.73
N TYR A 11 15.19 0.01 -14.40
CA TYR A 11 15.15 -1.06 -15.37
C TYR A 11 14.23 -0.57 -16.47
N LEU A 12 14.77 -0.49 -17.68
CA LEU A 12 14.00 -0.03 -18.84
C LEU A 12 13.86 -1.19 -19.81
N PRO A 13 12.61 -1.60 -20.11
CA PRO A 13 12.39 -2.71 -21.03
C PRO A 13 13.26 -2.63 -22.27
N LYS A 14 13.53 -3.79 -22.87
CA LYS A 14 14.38 -3.90 -24.05
C LYS A 14 13.72 -3.43 -25.34
N ASN A 15 12.39 -3.49 -25.40
CA ASN A 15 11.67 -3.10 -26.59
C ASN A 15 11.24 -1.63 -26.61
N VAL A 16 11.71 -0.91 -27.62
CA VAL A 16 11.40 0.50 -27.79
C VAL A 16 10.28 0.65 -28.81
N LEU A 17 9.33 1.52 -28.51
CA LEU A 17 8.21 1.75 -29.42
C LEU A 17 8.11 3.23 -29.75
N THR A 18 8.50 3.60 -30.97
CA THR A 18 8.45 4.99 -31.42
C THR A 18 7.03 5.35 -31.85
N ASN A 19 6.79 6.64 -32.05
CA ASN A 19 5.48 7.09 -32.49
C ASN A 19 5.20 6.54 -33.88
N PHE A 20 6.25 6.36 -34.66
CA PHE A 20 6.11 5.83 -36.01
C PHE A 20 5.57 4.40 -35.94
N ASP A 21 6.10 3.62 -34.99
CA ASP A 21 5.64 2.26 -34.82
C ASP A 21 4.15 2.27 -34.48
N LEU A 22 3.75 3.21 -33.63
CA LEU A 22 2.35 3.34 -33.23
C LEU A 22 1.43 3.75 -34.38
N GLU A 23 1.95 4.52 -35.32
CA GLU A 23 1.16 4.96 -36.47
C GLU A 23 0.56 3.76 -37.20
N LYS A 24 1.25 2.63 -37.12
CA LYS A 24 0.80 1.41 -37.77
C LYS A 24 -0.13 0.59 -36.88
N ILE A 25 -0.32 1.06 -35.65
CA ILE A 25 -1.19 0.37 -34.68
C ILE A 25 -2.55 1.06 -34.59
N VAL A 26 -2.54 2.39 -34.54
CA VAL A 26 -3.75 3.17 -34.43
C VAL A 26 -3.65 4.45 -35.27
N ASP A 27 -4.79 5.04 -35.59
CA ASP A 27 -4.83 6.26 -36.38
C ASP A 27 -4.22 7.41 -35.60
N THR A 28 -2.90 7.58 -35.72
CA THR A 28 -2.20 8.64 -35.02
C THR A 28 -0.97 9.00 -35.84
N SER A 29 -0.12 9.88 -35.32
CA SER A 29 1.08 10.26 -36.04
C SER A 29 2.16 10.81 -35.09
N ASP A 30 3.39 10.82 -35.57
CA ASP A 30 4.51 11.32 -34.80
C ASP A 30 4.34 12.80 -34.49
N GLU A 31 3.90 13.56 -35.49
CA GLU A 31 3.70 15.00 -35.32
C GLU A 31 2.70 15.31 -34.22
N TRP A 32 1.58 14.61 -34.23
CA TRP A 32 0.54 14.82 -33.23
C TRP A 32 1.04 14.50 -31.83
N ILE A 33 1.44 13.25 -31.62
CA ILE A 33 1.94 12.81 -30.32
C ILE A 33 3.01 13.77 -29.81
N THR A 34 4.03 13.99 -30.63
CA THR A 34 5.14 14.85 -30.28
C THR A 34 4.75 16.25 -29.82
N THR A 35 3.94 16.92 -30.62
CA THR A 35 3.54 18.28 -30.30
C THR A 35 2.56 18.39 -29.14
N ARG A 36 1.69 17.41 -28.98
CA ARG A 36 0.72 17.46 -27.89
C ARG A 36 1.22 16.88 -26.56
N THR A 37 2.34 16.17 -26.58
CA THR A 37 2.87 15.57 -25.34
C THR A 37 4.39 15.68 -25.20
N GLY A 38 5.11 15.59 -26.31
CA GLY A 38 6.55 15.65 -26.26
C GLY A 38 7.16 14.27 -26.25
N ILE A 39 6.32 13.26 -26.37
CA ILE A 39 6.77 11.87 -26.38
C ILE A 39 7.22 11.47 -27.79
N LYS A 40 8.41 10.87 -27.89
CA LYS A 40 8.95 10.42 -29.16
C LYS A 40 8.93 8.89 -29.21
N GLU A 41 9.19 8.28 -28.05
CA GLU A 41 9.20 6.83 -27.95
C GLU A 41 8.82 6.37 -26.53
N ARG A 42 8.62 5.07 -26.38
CA ARG A 42 8.22 4.48 -25.11
C ARG A 42 8.73 3.03 -25.06
N ARG A 43 9.01 2.55 -23.86
CA ARG A 43 9.49 1.18 -23.68
C ARG A 43 8.28 0.29 -23.43
N ILE A 44 8.38 -0.98 -23.83
CA ILE A 44 7.31 -1.93 -23.63
C ILE A 44 7.87 -3.24 -23.08
N ALA A 45 7.37 -3.65 -21.92
CA ALA A 45 7.83 -4.87 -21.25
C ALA A 45 7.19 -6.10 -21.89
N LYS A 46 7.43 -6.30 -23.17
CA LYS A 46 6.88 -7.44 -23.89
C LYS A 46 7.46 -8.75 -23.35
N GLU A 47 8.75 -8.73 -23.02
CA GLU A 47 9.43 -9.93 -22.50
C GLU A 47 9.45 -10.06 -20.99
N GLU A 48 9.54 -8.93 -20.29
CA GLU A 48 9.64 -8.94 -18.83
C GLU A 48 8.34 -8.80 -18.04
N THR A 49 8.34 -9.38 -16.83
CA THR A 49 7.21 -9.31 -15.93
C THR A 49 7.46 -8.13 -14.98
N ILE A 50 6.43 -7.68 -14.28
CA ILE A 50 6.58 -6.58 -13.35
C ILE A 50 7.66 -6.94 -12.31
N THR A 51 7.58 -8.15 -11.77
CA THR A 51 8.54 -8.61 -10.77
C THR A 51 9.97 -8.49 -11.29
N TYR A 52 10.22 -9.02 -12.48
CA TYR A 52 11.56 -8.97 -13.06
C TYR A 52 12.07 -7.53 -13.16
N MET A 53 11.25 -6.64 -13.70
CA MET A 53 11.66 -5.24 -13.84
C MET A 53 11.95 -4.59 -12.51
N ALA A 54 11.08 -4.78 -11.52
CA ALA A 54 11.27 -4.20 -10.20
C ALA A 54 12.55 -4.71 -9.55
N THR A 55 12.80 -6.00 -9.70
CA THR A 55 13.99 -6.62 -9.11
C THR A 55 15.29 -6.04 -9.66
N GLN A 56 15.32 -5.83 -10.97
CA GLN A 56 16.51 -5.28 -11.61
C GLN A 56 16.80 -3.85 -11.18
N ALA A 57 15.76 -3.03 -11.12
CA ALA A 57 15.95 -1.65 -10.71
C ALA A 57 16.45 -1.64 -9.26
N ALA A 58 15.87 -2.52 -8.45
CA ALA A 58 16.25 -2.63 -7.05
C ALA A 58 17.70 -3.09 -6.87
N LYS A 59 18.12 -4.09 -7.65
CA LYS A 59 19.50 -4.58 -7.55
C LYS A 59 20.49 -3.46 -7.83
N GLU A 60 20.31 -2.73 -8.92
CA GLU A 60 21.23 -1.63 -9.23
C GLU A 60 21.25 -0.64 -8.08
N ALA A 61 20.07 -0.30 -7.57
CA ALA A 61 19.98 0.65 -6.47
C ALA A 61 20.75 0.16 -5.24
N LEU A 62 20.61 -1.13 -4.93
CA LEU A 62 21.30 -1.71 -3.78
C LEU A 62 22.81 -1.71 -4.02
N ARG A 63 23.20 -2.05 -5.24
CA ARG A 63 24.63 -2.06 -5.58
C ARG A 63 25.21 -0.67 -5.33
N GLU A 64 24.50 0.35 -5.81
CA GLU A 64 24.94 1.72 -5.64
C GLU A 64 25.03 2.10 -4.17
N ALA A 65 24.10 1.58 -3.37
CA ALA A 65 24.09 1.88 -1.94
C ALA A 65 25.12 1.00 -1.24
N ASN A 66 25.64 0.02 -1.97
CA ASN A 66 26.61 -0.91 -1.42
C ASN A 66 25.97 -1.51 -0.18
N LEU A 67 24.72 -1.93 -0.33
CA LEU A 67 23.96 -2.49 0.75
C LEU A 67 23.44 -3.88 0.37
N SER A 68 23.59 -4.83 1.28
CA SER A 68 23.12 -6.19 1.03
C SER A 68 21.60 -6.21 1.20
N PRO A 69 20.89 -7.09 0.46
CA PRO A 69 19.43 -7.17 0.56
C PRO A 69 18.95 -7.38 2.00
N GLU A 70 19.66 -8.24 2.73
CA GLU A 70 19.34 -8.55 4.13
C GLU A 70 19.47 -7.37 5.08
N GLU A 71 20.19 -6.33 4.66
CA GLU A 71 20.37 -5.17 5.52
C GLU A 71 19.20 -4.20 5.43
N LEU A 72 18.25 -4.52 4.55
CA LEU A 72 17.06 -3.67 4.40
C LEU A 72 16.11 -3.93 5.55
N ASP A 73 15.37 -2.90 5.95
CA ASP A 73 14.40 -3.03 7.02
C ASP A 73 13.00 -3.03 6.45
N LEU A 74 12.86 -2.42 5.27
CA LEU A 74 11.56 -2.33 4.63
C LEU A 74 11.63 -2.20 3.11
N ILE A 75 10.68 -2.82 2.43
CA ILE A 75 10.60 -2.75 0.99
C ILE A 75 9.19 -2.26 0.62
N ILE A 76 9.10 -1.11 -0.04
CA ILE A 76 7.82 -0.57 -0.43
C ILE A 76 7.77 -0.48 -1.96
N LEU A 77 6.75 -1.09 -2.56
CA LEU A 77 6.63 -1.06 -4.01
C LEU A 77 5.30 -0.44 -4.44
N ALA A 78 5.38 0.57 -5.30
CA ALA A 78 4.19 1.25 -5.81
C ALA A 78 3.98 0.83 -7.26
N THR A 79 2.78 0.33 -7.56
CA THR A 79 2.46 -0.12 -8.91
C THR A 79 0.96 -0.24 -9.08
N LEU A 80 0.49 -0.20 -10.32
CA LEU A 80 -0.93 -0.36 -10.54
C LEU A 80 -1.13 -1.60 -11.42
N THR A 81 -0.02 -2.33 -11.60
CA THR A 81 -0.01 -3.55 -12.39
C THR A 81 0.69 -4.66 -11.59
N PRO A 82 0.09 -5.08 -10.45
CA PRO A 82 0.68 -6.13 -9.61
C PRO A 82 0.76 -7.47 -10.35
N GLN A 83 1.74 -8.28 -9.98
CA GLN A 83 1.93 -9.59 -10.60
C GLN A 83 0.72 -10.49 -10.34
N LYS A 84 0.15 -10.40 -9.15
CA LYS A 84 -1.00 -11.22 -8.80
C LYS A 84 -1.81 -10.64 -7.64
N ARG A 85 -2.95 -11.24 -7.34
CA ARG A 85 -3.80 -10.76 -6.25
C ARG A 85 -2.93 -10.74 -5.00
N PHE A 86 -2.20 -11.82 -4.80
CA PHE A 86 -1.27 -11.94 -3.68
C PHE A 86 -0.42 -13.20 -3.86
N PRO A 87 0.79 -13.22 -3.31
CA PRO A 87 1.44 -12.16 -2.53
C PRO A 87 1.65 -10.87 -3.27
N SER A 88 1.98 -9.84 -2.52
CA SER A 88 2.25 -8.53 -3.10
C SER A 88 3.47 -8.70 -4.01
N THR A 89 3.62 -7.79 -4.96
CA THR A 89 4.73 -7.86 -5.87
C THR A 89 5.98 -7.51 -5.09
N ALA A 90 5.80 -6.77 -4.01
CA ALA A 90 6.93 -6.41 -3.16
C ALA A 90 7.52 -7.70 -2.57
N CYS A 91 6.66 -8.65 -2.23
CA CYS A 91 7.10 -9.94 -1.69
C CYS A 91 7.79 -10.79 -2.76
N LEU A 92 7.26 -10.78 -3.97
CA LEU A 92 7.85 -11.56 -5.04
C LEU A 92 9.25 -11.01 -5.30
N VAL A 93 9.37 -9.69 -5.31
CA VAL A 93 10.66 -9.04 -5.55
C VAL A 93 11.62 -9.33 -4.41
N GLN A 94 11.12 -9.30 -3.18
CA GLN A 94 11.94 -9.56 -2.00
C GLN A 94 12.55 -10.96 -2.15
N ALA A 95 11.75 -11.89 -2.63
CA ALA A 95 12.19 -13.27 -2.83
C ALA A 95 13.32 -13.32 -3.87
N GLN A 96 13.15 -12.59 -4.96
CA GLN A 96 14.16 -12.54 -6.01
C GLN A 96 15.45 -11.88 -5.54
N LEU A 97 15.33 -10.98 -4.58
CA LEU A 97 16.50 -10.27 -4.05
C LEU A 97 17.11 -11.05 -2.88
N LYS A 98 16.40 -12.05 -2.41
CA LYS A 98 16.84 -12.84 -1.27
C LYS A 98 16.96 -11.95 -0.04
N ALA A 99 15.99 -11.05 0.12
CA ALA A 99 15.94 -10.17 1.27
C ALA A 99 15.07 -10.92 2.27
N LYS A 100 15.59 -12.05 2.75
CA LYS A 100 14.87 -12.91 3.69
C LYS A 100 14.26 -12.25 4.91
N GLY A 101 13.00 -12.58 5.15
CA GLY A 101 12.27 -12.04 6.28
C GLY A 101 12.02 -10.54 6.27
N VAL A 102 12.45 -9.85 5.21
CA VAL A 102 12.27 -8.40 5.18
C VAL A 102 10.85 -7.88 4.93
N TYR A 103 10.41 -7.03 5.85
CA TYR A 103 9.11 -6.34 5.85
C TYR A 103 8.84 -5.82 4.43
N ALA A 104 7.75 -6.25 3.81
CA ALA A 104 7.46 -5.81 2.44
C ALA A 104 5.98 -5.74 2.06
N PHE A 105 5.64 -4.72 1.28
CA PHE A 105 4.26 -4.53 0.82
C PHE A 105 4.15 -3.56 -0.37
N ASP A 106 3.02 -3.62 -1.07
CA ASP A 106 2.76 -2.72 -2.21
C ASP A 106 1.79 -1.62 -1.75
N ILE A 107 1.73 -0.53 -2.51
CA ILE A 107 0.77 0.53 -2.21
C ILE A 107 0.12 0.96 -3.53
N SER A 108 -1.10 1.46 -3.45
CA SER A 108 -1.82 1.90 -4.64
C SER A 108 -2.06 3.40 -4.54
N ALA A 109 -1.55 4.11 -5.53
CA ALA A 109 -1.69 5.55 -5.59
C ALA A 109 -1.39 6.06 -7.01
N ALA A 110 -1.45 5.13 -7.97
CA ALA A 110 -1.20 5.40 -9.39
C ALA A 110 0.11 6.17 -9.61
N CYS A 111 0.01 7.25 -10.39
CA CYS A 111 1.18 8.07 -10.71
C CYS A 111 1.85 8.71 -9.50
N SER A 112 1.11 8.86 -8.40
CA SER A 112 1.68 9.44 -7.20
C SER A 112 2.35 8.37 -6.35
N GLY A 113 2.37 7.14 -6.86
CA GLY A 113 2.93 6.02 -6.12
C GLY A 113 4.32 6.17 -5.51
N PHE A 114 5.26 6.69 -6.29
CA PHE A 114 6.61 6.84 -5.78
C PHE A 114 6.73 7.87 -4.66
N ILE A 115 6.17 9.06 -4.85
CA ILE A 115 6.27 10.06 -3.81
C ILE A 115 5.49 9.65 -2.56
N TYR A 116 4.42 8.87 -2.74
CA TYR A 116 3.64 8.36 -1.60
C TYR A 116 4.55 7.38 -0.87
N ALA A 117 5.13 6.46 -1.64
CA ALA A 117 6.02 5.43 -1.08
C ALA A 117 7.24 6.06 -0.39
N LEU A 118 7.81 7.09 -1.01
CA LEU A 118 8.97 7.76 -0.43
C LEU A 118 8.58 8.47 0.88
N ASP A 119 7.38 9.04 0.90
CA ASP A 119 6.88 9.73 2.08
C ASP A 119 6.70 8.72 3.21
N ILE A 120 6.22 7.53 2.86
CA ILE A 120 6.02 6.48 3.85
C ILE A 120 7.38 6.07 4.42
N ALA A 121 8.35 5.85 3.53
CA ALA A 121 9.68 5.46 3.95
C ALA A 121 10.23 6.49 4.94
N ASP A 122 10.04 7.77 4.61
CA ASP A 122 10.50 8.86 5.47
C ASP A 122 9.84 8.79 6.85
N SER A 123 8.56 8.40 6.88
CA SER A 123 7.84 8.31 8.14
C SER A 123 8.46 7.21 8.99
N PHE A 124 8.83 6.10 8.36
CA PHE A 124 9.44 5.00 9.10
C PHE A 124 10.83 5.36 9.63
N ILE A 125 11.59 6.13 8.86
CA ILE A 125 12.92 6.52 9.29
C ILE A 125 12.85 7.58 10.39
N LYS A 126 11.97 8.55 10.21
CA LYS A 126 11.81 9.62 11.18
C LYS A 126 11.17 9.15 12.49
N SER A 127 10.51 8.00 12.46
CA SER A 127 9.91 7.48 13.69
C SER A 127 10.87 6.51 14.39
N GLY A 128 12.05 6.32 13.79
CA GLY A 128 13.03 5.41 14.35
C GLY A 128 12.65 3.96 14.23
N LYS A 129 11.69 3.67 13.35
CA LYS A 129 11.23 2.30 13.17
C LYS A 129 11.96 1.54 12.08
N ALA A 130 12.66 2.27 11.22
CA ALA A 130 13.42 1.65 10.14
C ALA A 130 14.65 2.49 9.87
N LYS A 131 15.69 1.88 9.30
CA LYS A 131 16.89 2.62 8.99
C LYS A 131 17.18 2.60 7.50
N ASN A 132 17.08 1.41 6.90
CA ASN A 132 17.32 1.26 5.48
C ASN A 132 16.02 0.84 4.81
N VAL A 133 15.58 1.64 3.84
CA VAL A 133 14.33 1.33 3.15
C VAL A 133 14.51 1.37 1.63
N LEU A 134 13.93 0.38 0.95
CA LEU A 134 13.99 0.30 -0.49
C LEU A 134 12.62 0.73 -1.01
N VAL A 135 12.59 1.74 -1.87
CA VAL A 135 11.34 2.26 -2.43
C VAL A 135 11.35 2.06 -3.94
N ILE A 136 10.38 1.30 -4.43
CA ILE A 136 10.29 0.98 -5.85
C ILE A 136 9.02 1.50 -6.53
N GLY A 137 9.19 2.00 -7.75
CA GLY A 137 8.08 2.47 -8.55
C GLY A 137 8.21 1.62 -9.80
N ALA A 138 7.32 0.65 -9.99
CA ALA A 138 7.39 -0.23 -11.15
C ALA A 138 6.05 -0.39 -11.82
N GLU A 139 6.05 -0.34 -13.15
CA GLU A 139 4.79 -0.45 -13.89
C GLU A 139 4.92 -1.13 -15.25
N LYS A 140 3.95 -1.97 -15.55
CA LYS A 140 3.88 -2.62 -16.85
C LYS A 140 2.53 -2.13 -17.39
N LEU A 141 2.43 -0.81 -17.52
CA LEU A 141 1.21 -0.15 -17.98
C LEU A 141 0.65 -0.70 -19.28
N SER A 142 1.52 -1.25 -20.13
CA SER A 142 1.06 -1.79 -21.41
C SER A 142 -0.06 -2.81 -21.25
N GLU A 143 -0.16 -3.44 -20.09
CA GLU A 143 -1.22 -4.43 -19.88
C GLU A 143 -2.54 -3.75 -19.52
N ALA A 144 -2.48 -2.49 -19.12
CA ALA A 144 -3.68 -1.74 -18.74
C ALA A 144 -4.10 -0.75 -19.82
N VAL A 145 -3.32 -0.68 -20.90
CA VAL A 145 -3.62 0.23 -22.00
C VAL A 145 -4.51 -0.35 -23.10
N ASP A 146 -5.51 0.43 -23.50
CA ASP A 146 -6.44 0.02 -24.56
C ASP A 146 -5.73 0.41 -25.85
N TRP A 147 -5.09 -0.57 -26.50
CA TRP A 147 -4.35 -0.31 -27.73
C TRP A 147 -5.18 0.01 -28.97
N GLU A 148 -6.50 0.14 -28.80
CA GLU A 148 -7.37 0.49 -29.92
C GLU A 148 -7.81 1.94 -29.75
N ASP A 149 -7.47 2.49 -28.60
CA ASP A 149 -7.83 3.87 -28.28
C ASP A 149 -6.64 4.80 -28.48
N ARG A 150 -6.57 5.41 -29.67
CA ARG A 150 -5.49 6.32 -30.02
C ARG A 150 -5.45 7.51 -29.07
N SER A 151 -6.47 7.63 -28.24
CA SER A 151 -6.56 8.74 -27.30
C SER A 151 -5.69 8.57 -26.06
N THR A 152 -5.52 7.32 -25.62
CA THR A 152 -4.72 7.06 -24.43
C THR A 152 -3.51 6.16 -24.62
N CYS A 153 -3.56 5.25 -25.59
CA CYS A 153 -2.47 4.30 -25.82
C CYS A 153 -1.11 4.86 -26.22
N VAL A 154 -1.07 6.13 -26.61
CA VAL A 154 0.19 6.76 -27.03
C VAL A 154 0.91 7.50 -25.91
N LEU A 155 0.32 7.50 -24.71
CA LEU A 155 0.89 8.22 -23.59
C LEU A 155 1.70 7.40 -22.58
N PHE A 156 1.44 6.10 -22.54
CA PHE A 156 2.09 5.27 -21.53
C PHE A 156 3.21 4.33 -21.94
N GLY A 157 4.09 4.05 -20.98
CA GLY A 157 5.22 3.17 -21.20
C GLY A 157 5.48 2.32 -19.97
N ASP A 158 6.41 1.38 -20.08
CA ASP A 158 6.73 0.50 -18.96
C ASP A 158 8.14 0.74 -18.43
N GLY A 159 8.43 0.18 -17.25
CA GLY A 159 9.74 0.35 -16.66
C GLY A 159 9.68 0.37 -15.14
N ALA A 160 10.85 0.39 -14.51
CA ALA A 160 10.91 0.42 -13.06
C ALA A 160 12.05 1.29 -12.59
N GLY A 161 11.83 1.94 -11.45
CA GLY A 161 12.83 2.80 -10.85
C GLY A 161 12.86 2.50 -9.37
N ALA A 162 14.03 2.64 -8.75
CA ALA A 162 14.13 2.36 -7.32
C ALA A 162 15.16 3.22 -6.64
N VAL A 163 14.94 3.46 -5.36
CA VAL A 163 15.87 4.24 -4.57
C VAL A 163 16.02 3.58 -3.20
N VAL A 164 17.22 3.71 -2.63
CA VAL A 164 17.47 3.17 -1.31
C VAL A 164 17.72 4.37 -0.43
N VAL A 165 16.95 4.52 0.64
CA VAL A 165 17.14 5.63 1.57
C VAL A 165 17.55 5.06 2.91
N THR A 166 18.31 5.84 3.67
CA THR A 166 18.79 5.41 4.98
C THR A 166 18.80 6.62 5.92
N ARG A 167 19.01 6.37 7.21
CA ARG A 167 19.07 7.46 8.17
C ARG A 167 20.54 7.86 8.27
N SER A 168 20.86 9.06 7.82
CA SER A 168 22.22 9.55 7.85
C SER A 168 22.39 10.55 8.97
N GLU A 169 23.63 10.84 9.33
CA GLU A 169 23.90 11.80 10.38
C GLU A 169 24.37 13.12 9.79
N ASP A 170 24.33 13.24 8.46
CA ASP A 170 24.75 14.47 7.79
C ASP A 170 23.57 15.38 7.48
N LYS A 171 23.74 16.29 6.52
CA LYS A 171 22.70 17.25 6.17
C LYS A 171 21.67 16.80 5.12
N SER A 172 21.92 15.68 4.45
CA SER A 172 20.96 15.17 3.47
C SER A 172 19.66 14.86 4.20
N ASP A 173 18.54 15.31 3.65
CA ASP A 173 17.26 15.05 4.31
C ASP A 173 16.07 15.54 3.49
N ILE A 174 14.90 14.97 3.77
CA ILE A 174 13.69 15.41 3.11
C ILE A 174 13.23 16.56 3.99
N LEU A 175 13.12 17.75 3.39
CA LEU A 175 12.75 18.94 4.13
C LEU A 175 11.24 19.10 4.34
N ALA A 176 10.45 18.70 3.35
CA ALA A 176 9.01 18.81 3.49
C ALA A 176 8.29 17.93 2.50
N THR A 177 7.11 17.47 2.88
CA THR A 177 6.29 16.63 2.01
C THR A 177 4.83 16.98 2.26
N ARG A 178 4.02 16.78 1.24
CA ARG A 178 2.61 17.05 1.35
C ARG A 178 1.90 16.20 0.30
N MET A 179 1.02 15.33 0.75
CA MET A 179 0.27 14.46 -0.16
C MET A 179 -1.23 14.74 0.00
N TYR A 180 -1.96 14.66 -1.10
CA TYR A 180 -3.40 14.90 -1.09
C TYR A 180 -4.07 13.88 -2.01
N ALA A 181 -5.39 13.78 -1.89
CA ALA A 181 -6.19 12.87 -2.71
C ALA A 181 -7.61 13.42 -2.78
N GLU A 182 -8.32 13.09 -3.83
CA GLU A 182 -9.69 13.55 -3.99
C GLU A 182 -10.45 12.52 -4.81
N GLY A 183 -11.08 11.58 -4.10
CA GLY A 183 -11.83 10.53 -4.76
C GLY A 183 -13.05 11.00 -5.54
N SER A 184 -13.53 12.21 -5.26
CA SER A 184 -14.70 12.70 -5.98
C SER A 184 -14.33 13.03 -7.43
N LEU A 185 -13.03 13.04 -7.71
CA LEU A 185 -12.55 13.33 -9.06
C LEU A 185 -12.06 12.07 -9.76
N GLU A 186 -12.54 10.92 -9.29
CA GLU A 186 -12.17 9.64 -9.87
C GLU A 186 -12.37 9.64 -11.39
N GLU A 187 -13.53 10.13 -11.84
CA GLU A 187 -13.90 10.17 -13.25
C GLU A 187 -12.86 10.78 -14.21
N LEU A 188 -12.07 11.72 -13.73
CA LEU A 188 -11.06 12.36 -14.58
C LEU A 188 -10.01 11.37 -15.05
N LEU A 189 -9.76 10.35 -14.24
CA LEU A 189 -8.75 9.33 -14.56
C LEU A 189 -9.03 8.09 -13.72
N HIS A 190 -9.38 6.99 -14.39
CA HIS A 190 -9.71 5.75 -13.70
C HIS A 190 -9.66 4.56 -14.63
N ALA A 191 -9.77 3.37 -14.03
CA ALA A 191 -9.78 2.12 -14.78
C ALA A 191 -11.23 1.71 -14.92
N ASP A 192 -11.57 1.02 -16.01
CA ASP A 192 -12.95 0.57 -16.21
C ASP A 192 -13.14 -0.85 -15.67
N ASN A 193 -14.28 -1.45 -15.99
CA ASN A 193 -14.61 -2.80 -15.54
C ASN A 193 -13.53 -3.82 -15.87
N CYS A 194 -12.79 -3.58 -16.95
CA CYS A 194 -11.76 -4.50 -17.37
C CYS A 194 -10.34 -4.04 -17.07
N GLY A 195 -10.22 -2.97 -16.28
CA GLY A 195 -8.91 -2.47 -15.89
C GLY A 195 -8.21 -1.55 -16.88
N TYR A 196 -8.91 -1.14 -17.92
CA TYR A 196 -8.30 -0.25 -18.92
C TYR A 196 -8.30 1.20 -18.48
N ILE A 197 -7.19 1.88 -18.77
CA ILE A 197 -7.04 3.28 -18.43
C ILE A 197 -8.00 4.15 -19.24
N ARG A 198 -8.76 4.99 -18.54
CA ARG A 198 -9.71 5.91 -19.17
C ARG A 198 -9.47 7.26 -18.54
N MET A 199 -9.63 8.32 -19.32
CA MET A 199 -9.40 9.64 -18.80
C MET A 199 -10.14 10.74 -19.54
N LYS A 200 -10.13 11.92 -18.93
CA LYS A 200 -10.75 13.11 -19.47
C LYS A 200 -9.58 14.09 -19.61
N GLY A 201 -8.81 13.88 -20.67
CA GLY A 201 -7.62 14.67 -20.96
C GLY A 201 -7.61 16.15 -20.67
N ARG A 202 -8.58 16.89 -21.21
CA ARG A 202 -8.63 18.33 -21.02
C ARG A 202 -8.79 18.75 -19.57
N GLU A 203 -9.81 18.23 -18.91
CA GLU A 203 -10.05 18.57 -17.51
C GLU A 203 -8.85 18.20 -16.66
N LEU A 204 -8.32 17.01 -16.90
CA LEU A 204 -7.17 16.51 -16.16
C LEU A 204 -5.97 17.46 -16.25
N PHE A 205 -5.68 17.95 -17.46
CA PHE A 205 -4.56 18.86 -17.68
C PHE A 205 -4.66 20.09 -16.76
N LYS A 206 -5.83 20.71 -16.73
CA LYS A 206 -6.05 21.89 -15.89
C LYS A 206 -5.73 21.58 -14.43
N VAL A 207 -6.46 20.59 -13.90
CA VAL A 207 -6.30 20.15 -12.52
C VAL A 207 -4.84 19.79 -12.21
N ALA A 208 -4.18 19.13 -13.17
CA ALA A 208 -2.80 18.73 -12.99
C ALA A 208 -1.89 19.90 -12.66
N VAL A 209 -1.88 20.91 -13.53
CA VAL A 209 -1.03 22.09 -13.32
C VAL A 209 -1.35 22.82 -12.02
N ARG A 210 -2.63 23.10 -11.82
CA ARG A 210 -3.08 23.80 -10.63
C ARG A 210 -2.73 23.06 -9.33
N SER A 211 -3.02 21.77 -9.28
CA SER A 211 -2.74 20.98 -8.07
C SER A 211 -1.27 20.80 -7.75
N MET A 212 -0.46 20.44 -8.74
CA MET A 212 0.96 20.27 -8.51
C MET A 212 1.59 21.59 -8.08
N GLU A 213 1.14 22.69 -8.68
CA GLU A 213 1.66 24.01 -8.34
C GLU A 213 1.40 24.29 -6.86
N GLU A 214 0.15 24.13 -6.46
CA GLU A 214 -0.28 24.36 -5.09
C GLU A 214 0.54 23.60 -4.06
N VAL A 215 0.64 22.29 -4.23
CA VAL A 215 1.38 21.46 -3.30
C VAL A 215 2.88 21.73 -3.36
N CYS A 216 3.38 22.11 -4.54
CA CYS A 216 4.80 22.43 -4.65
C CYS A 216 5.08 23.67 -3.82
N ARG A 217 4.21 24.67 -3.94
CA ARG A 217 4.36 25.91 -3.18
C ARG A 217 4.25 25.65 -1.69
N GLU A 218 3.40 24.69 -1.32
CA GLU A 218 3.22 24.34 0.08
C GLU A 218 4.49 23.79 0.71
N VAL A 219 5.12 22.82 0.04
CA VAL A 219 6.34 22.24 0.59
C VAL A 219 7.46 23.27 0.66
N LEU A 220 7.53 24.14 -0.34
CA LEU A 220 8.55 25.18 -0.37
C LEU A 220 8.38 26.11 0.84
N GLU A 221 7.15 26.57 1.07
CA GLU A 221 6.90 27.46 2.20
C GLU A 221 7.22 26.75 3.51
N LYS A 222 6.70 25.53 3.68
CA LYS A 222 6.95 24.75 4.89
C LYS A 222 8.44 24.59 5.15
N ALA A 223 9.22 24.43 4.08
CA ALA A 223 10.66 24.26 4.21
C ALA A 223 11.38 25.61 4.26
N GLY A 224 10.63 26.68 4.09
CA GLY A 224 11.23 28.00 4.11
C GLY A 224 12.21 28.15 2.97
N VAL A 225 11.88 27.53 1.84
CA VAL A 225 12.72 27.57 0.65
C VAL A 225 12.00 28.32 -0.47
N LYS A 226 12.72 29.19 -1.16
CA LYS A 226 12.14 29.96 -2.25
C LYS A 226 12.36 29.22 -3.57
N PRO A 227 11.44 29.38 -4.54
CA PRO A 227 11.54 28.73 -5.85
C PRO A 227 12.91 28.86 -6.51
N GLU A 228 13.49 30.06 -6.43
CA GLU A 228 14.79 30.32 -7.02
C GLU A 228 15.89 29.49 -6.39
N GLU A 229 15.65 28.99 -5.18
CA GLU A 229 16.62 28.18 -4.48
C GLU A 229 16.54 26.70 -4.82
N VAL A 230 15.57 26.34 -5.66
CA VAL A 230 15.42 24.95 -6.06
C VAL A 230 16.47 24.62 -7.11
N SER A 231 17.30 23.63 -6.83
CA SER A 231 18.36 23.24 -7.76
C SER A 231 17.80 22.48 -8.96
N LEU A 232 16.82 21.62 -8.71
CA LEU A 232 16.23 20.83 -9.79
C LEU A 232 14.82 20.31 -9.48
N VAL A 233 13.94 20.40 -10.47
CA VAL A 233 12.57 19.93 -10.33
C VAL A 233 12.43 18.64 -11.13
N ILE A 234 12.06 17.57 -10.44
CA ILE A 234 11.87 16.28 -11.10
C ILE A 234 10.39 15.92 -10.97
N PRO A 235 9.57 16.40 -11.92
CA PRO A 235 8.13 16.16 -11.93
C PRO A 235 7.78 14.85 -12.61
N HIS A 236 6.58 14.37 -12.31
CA HIS A 236 6.08 13.15 -12.93
C HIS A 236 6.09 13.48 -14.41
N GLN A 237 6.46 12.51 -15.25
CA GLN A 237 6.53 12.76 -16.70
C GLN A 237 5.23 12.35 -17.43
N ALA A 238 4.20 13.18 -17.31
CA ALA A 238 2.91 12.88 -17.94
C ALA A 238 2.71 13.59 -19.28
N ASN A 239 3.14 14.85 -19.35
CA ASN A 239 3.00 15.64 -20.57
C ASN A 239 3.98 16.79 -20.46
N VAL A 240 4.81 16.99 -21.49
CA VAL A 240 5.79 18.05 -21.45
C VAL A 240 5.11 19.42 -21.29
N ARG A 241 3.93 19.57 -21.86
CA ARG A 241 3.19 20.84 -21.76
C ARG A 241 2.72 21.13 -20.34
N ILE A 242 2.38 20.07 -19.59
CA ILE A 242 1.96 20.24 -18.21
C ILE A 242 3.20 20.67 -17.43
N ILE A 243 4.31 19.99 -17.68
CA ILE A 243 5.56 20.30 -17.00
C ILE A 243 5.96 21.75 -17.23
N ASN A 244 5.81 22.22 -18.47
CA ASN A 244 6.16 23.59 -18.81
C ASN A 244 5.25 24.60 -18.11
N ALA A 245 3.94 24.34 -18.13
CA ALA A 245 2.98 25.23 -17.48
C ALA A 245 3.23 25.26 -15.97
N LEU A 246 3.69 24.16 -15.42
CA LEU A 246 3.97 24.09 -13.99
C LEU A 246 5.20 24.92 -13.64
N ALA A 247 6.24 24.77 -14.45
CA ALA A 247 7.48 25.50 -14.24
C ALA A 247 7.22 26.99 -14.30
N GLU A 248 6.41 27.41 -15.27
CA GLU A 248 6.05 28.81 -15.43
C GLU A 248 5.34 29.36 -14.20
N LYS A 249 4.34 28.63 -13.71
CA LYS A 249 3.59 29.06 -12.54
C LYS A 249 4.43 29.15 -11.26
N LEU A 250 5.50 28.37 -11.17
CA LEU A 250 6.36 28.39 -9.99
C LEU A 250 7.56 29.30 -10.20
N ASN A 251 7.65 29.92 -11.38
CA ASN A 251 8.75 30.80 -11.72
C ASN A 251 10.10 30.10 -11.63
N ILE A 252 10.14 28.86 -12.12
CA ILE A 252 11.38 28.10 -12.11
C ILE A 252 11.82 27.90 -13.56
N PRO A 253 13.04 28.35 -13.88
CA PRO A 253 13.62 28.24 -15.23
C PRO A 253 13.56 26.84 -15.79
N LYS A 254 13.36 26.73 -17.10
CA LYS A 254 13.28 25.44 -17.77
C LYS A 254 14.55 24.62 -17.56
N GLU A 255 15.69 25.31 -17.51
CA GLU A 255 16.98 24.63 -17.34
C GLU A 255 17.08 23.87 -16.01
N LYS A 256 16.21 24.20 -15.06
CA LYS A 256 16.22 23.54 -13.76
C LYS A 256 15.09 22.51 -13.63
N VAL A 257 14.46 22.18 -14.75
CA VAL A 257 13.36 21.21 -14.75
C VAL A 257 13.75 19.99 -15.57
N PHE A 258 13.94 18.86 -14.91
CA PHE A 258 14.33 17.64 -15.60
C PHE A 258 13.20 17.00 -16.39
N VAL A 259 13.47 16.70 -17.65
CA VAL A 259 12.49 16.09 -18.52
C VAL A 259 13.09 14.93 -19.32
N ASN A 260 12.44 13.77 -19.28
CA ASN A 260 12.89 12.62 -20.05
C ASN A 260 11.69 11.88 -20.62
N ILE A 261 10.53 12.54 -20.59
CA ILE A 261 9.31 11.95 -21.11
C ILE A 261 9.43 11.59 -22.59
N GLN A 262 10.32 12.29 -23.30
CA GLN A 262 10.50 12.05 -24.73
C GLN A 262 10.97 10.63 -25.06
N LYS A 263 11.66 9.99 -24.13
CA LYS A 263 12.15 8.65 -24.38
C LYS A 263 11.42 7.52 -23.64
N TYR A 264 10.63 7.86 -22.63
CA TYR A 264 9.93 6.83 -21.87
C TYR A 264 8.40 6.97 -21.80
N GLY A 265 7.88 8.14 -22.13
CA GLY A 265 6.45 8.33 -22.04
C GLY A 265 6.08 8.40 -20.57
N ASN A 266 4.81 8.21 -20.26
CA ASN A 266 4.32 8.26 -18.88
C ASN A 266 4.44 6.85 -18.28
N THR A 267 5.33 6.68 -17.31
CA THR A 267 5.52 5.37 -16.68
C THR A 267 4.94 5.30 -15.26
N SER A 268 4.00 6.19 -14.97
CA SER A 268 3.34 6.23 -13.68
C SER A 268 4.31 6.28 -12.48
N ALA A 269 4.19 5.34 -11.56
CA ALA A 269 5.04 5.32 -10.36
C ALA A 269 6.54 5.24 -10.64
N ALA A 270 6.93 4.68 -11.77
CA ALA A 270 8.35 4.55 -12.09
C ALA A 270 8.92 5.82 -12.70
N SER A 271 8.03 6.74 -13.09
CA SER A 271 8.43 7.98 -13.73
C SER A 271 9.49 8.79 -12.99
N ILE A 272 9.16 9.26 -11.79
CA ILE A 272 10.10 10.05 -11.02
C ILE A 272 11.40 9.33 -10.66
N PRO A 273 11.32 8.08 -10.15
CA PRO A 273 12.58 7.41 -9.82
C PRO A 273 13.51 7.20 -11.03
N ILE A 274 12.96 6.98 -12.21
CA ILE A 274 13.79 6.82 -13.40
C ILE A 274 14.46 8.15 -13.74
N ALA A 275 13.69 9.23 -13.66
CA ALA A 275 14.21 10.56 -13.94
C ALA A 275 15.29 10.93 -12.93
N LEU A 276 15.10 10.56 -11.67
CA LEU A 276 16.07 10.86 -10.62
C LEU A 276 17.41 10.18 -10.92
N HIS A 277 17.35 8.91 -11.31
CA HIS A 277 18.55 8.12 -11.61
C HIS A 277 19.34 8.77 -12.74
N GLU A 278 18.67 9.03 -13.86
CA GLU A 278 19.34 9.65 -15.00
C GLU A 278 19.88 11.04 -14.64
N ALA A 279 19.10 11.81 -13.87
CA ALA A 279 19.53 13.14 -13.47
C ALA A 279 20.87 13.02 -12.73
N ILE A 280 20.96 12.05 -11.82
CA ILE A 280 22.19 11.84 -11.05
C ILE A 280 23.33 11.43 -11.98
N LYS A 281 23.06 10.43 -12.84
CA LYS A 281 24.07 9.94 -13.78
C LYS A 281 24.50 10.96 -14.81
N GLU A 282 23.68 11.99 -15.03
CA GLU A 282 24.01 13.03 -15.98
C GLU A 282 24.71 14.19 -15.30
N GLY A 283 25.15 13.94 -14.07
CA GLY A 283 25.86 14.96 -13.30
C GLY A 283 25.05 16.20 -12.97
N LYS A 284 23.72 16.06 -12.95
CA LYS A 284 22.84 17.19 -12.66
C LYS A 284 22.40 17.27 -11.20
N VAL A 285 22.86 16.34 -10.37
CA VAL A 285 22.49 16.33 -8.95
C VAL A 285 23.68 16.07 -8.04
N LYS A 286 23.99 17.03 -7.17
CA LYS A 286 25.10 16.87 -6.24
C LYS A 286 24.62 17.10 -4.80
N ARG A 287 25.28 16.45 -3.85
CA ARG A 287 24.91 16.61 -2.45
C ARG A 287 24.76 18.09 -2.13
N GLY A 288 23.71 18.42 -1.39
CA GLY A 288 23.46 19.80 -1.04
C GLY A 288 22.38 20.42 -1.91
N ASP A 289 22.21 19.89 -3.12
CA ASP A 289 21.19 20.40 -4.05
C ASP A 289 19.80 20.18 -3.50
N LEU A 290 18.92 21.15 -3.73
CA LEU A 290 17.52 21.05 -3.28
C LEU A 290 16.71 20.52 -4.46
N ILE A 291 16.14 19.33 -4.28
CA ILE A 291 15.36 18.70 -5.33
C ILE A 291 13.88 18.73 -4.99
N LEU A 292 13.07 19.10 -5.97
CA LEU A 292 11.62 19.17 -5.79
C LEU A 292 10.96 18.13 -6.68
N MET A 293 10.27 17.17 -6.06
CA MET A 293 9.57 16.15 -6.82
C MET A 293 8.07 16.39 -6.64
N THR A 294 7.29 16.20 -7.70
CA THR A 294 5.85 16.40 -7.64
C THR A 294 5.14 15.55 -8.67
N ALA A 295 3.89 15.19 -8.39
CA ALA A 295 3.12 14.35 -9.30
C ALA A 295 1.62 14.39 -9.01
N MET A 296 0.85 13.90 -9.97
CA MET A 296 -0.60 13.79 -9.84
C MET A 296 -0.98 12.50 -10.55
N GLY A 297 -1.91 11.74 -10.00
CA GLY A 297 -2.29 10.49 -10.63
C GLY A 297 -3.73 10.08 -10.42
N GLY A 298 -4.10 8.96 -11.05
CA GLY A 298 -5.45 8.44 -10.94
C GLY A 298 -5.89 8.32 -9.51
N GLY A 299 -7.18 8.55 -9.33
CA GLY A 299 -7.78 8.53 -8.01
C GLY A 299 -7.72 9.98 -7.62
N LEU A 300 -6.91 10.68 -8.37
CA LEU A 300 -6.65 12.07 -8.11
C LEU A 300 -5.90 12.00 -6.80
N THR A 301 -4.63 11.66 -6.95
CA THR A 301 -3.71 11.66 -5.84
C THR A 301 -2.67 12.63 -6.37
N TRP A 302 -2.01 13.33 -5.47
CA TRP A 302 -1.00 14.27 -5.89
C TRP A 302 -0.25 14.71 -4.66
N GLY A 303 0.91 15.30 -4.89
CA GLY A 303 1.72 15.74 -3.77
C GLY A 303 3.07 16.22 -4.24
N ALA A 304 3.91 16.56 -3.29
CA ALA A 304 5.26 17.04 -3.60
C ALA A 304 6.18 16.67 -2.45
N VAL A 305 7.46 16.58 -2.76
CA VAL A 305 8.49 16.25 -1.78
C VAL A 305 9.68 17.15 -2.10
N LEU A 306 10.14 17.88 -1.09
CA LEU A 306 11.28 18.76 -1.25
C LEU A 306 12.39 18.18 -0.38
N LEU A 307 13.54 17.90 -1.00
CA LEU A 307 14.64 17.33 -0.23
C LEU A 307 15.99 17.92 -0.59
N ARG A 308 16.92 17.80 0.35
CA ARG A 308 18.29 18.26 0.14
C ARG A 308 19.03 16.96 -0.10
N TYR A 309 19.55 16.79 -1.30
CA TYR A 309 20.26 15.58 -1.66
C TYR A 309 21.45 15.34 -0.73
N GLY B 2 0.14 8.73 23.44
CA GLY B 2 0.82 8.35 22.17
C GLY B 2 -0.20 8.02 21.11
N THR B 3 0.11 7.01 20.29
CA THR B 3 -0.79 6.58 19.23
C THR B 3 -1.97 5.90 19.93
N LYS B 4 -3.12 6.58 19.91
CA LYS B 4 -4.30 6.09 20.59
C LYS B 4 -5.49 5.78 19.69
N ILE B 5 -6.16 4.67 19.98
CA ILE B 5 -7.35 4.27 19.24
C ILE B 5 -8.51 5.00 19.91
N ILE B 6 -9.13 5.93 19.18
CA ILE B 6 -10.24 6.69 19.73
C ILE B 6 -11.57 6.34 19.09
N GLY B 7 -11.56 5.34 18.19
CA GLY B 7 -12.80 4.94 17.55
C GLY B 7 -12.64 3.68 16.72
N THR B 8 -13.64 2.81 16.74
CA THR B 8 -13.59 1.59 15.95
C THR B 8 -14.95 1.34 15.31
N GLY B 9 -14.94 0.56 14.24
CA GLY B 9 -16.18 0.26 13.55
C GLY B 9 -16.06 -0.88 12.57
N VAL B 10 -17.19 -1.48 12.23
CA VAL B 10 -17.22 -2.61 11.32
C VAL B 10 -18.44 -2.58 10.42
N TYR B 11 -18.45 -3.49 9.45
CA TYR B 11 -19.60 -3.67 8.59
C TYR B 11 -19.58 -5.13 8.19
N LEU B 12 -20.71 -5.78 8.35
CA LEU B 12 -20.83 -7.18 7.98
C LEU B 12 -22.09 -7.34 7.18
N PRO B 13 -22.03 -8.09 6.06
CA PRO B 13 -23.23 -8.29 5.25
C PRO B 13 -24.21 -9.08 6.13
N LYS B 14 -25.50 -9.02 5.83
CA LYS B 14 -26.47 -9.74 6.67
C LYS B 14 -26.69 -11.17 6.20
N ASN B 15 -26.20 -11.49 5.00
CA ASN B 15 -26.33 -12.83 4.45
C ASN B 15 -25.40 -13.77 5.19
N VAL B 16 -25.95 -14.86 5.72
CA VAL B 16 -25.17 -15.82 6.48
C VAL B 16 -24.94 -17.14 5.74
N LEU B 17 -23.69 -17.56 5.67
CA LEU B 17 -23.34 -18.81 5.02
C LEU B 17 -23.01 -19.79 6.14
N THR B 18 -23.97 -20.66 6.46
CA THR B 18 -23.79 -21.63 7.53
C THR B 18 -23.07 -22.88 6.99
N ASN B 19 -22.64 -23.75 7.89
CA ASN B 19 -21.98 -24.97 7.48
C ASN B 19 -22.98 -25.91 6.79
N PHE B 20 -24.26 -25.70 7.07
CA PHE B 20 -25.30 -26.51 6.45
C PHE B 20 -25.52 -26.06 5.01
N ASP B 21 -25.35 -24.77 4.75
CA ASP B 21 -25.48 -24.28 3.38
C ASP B 21 -24.32 -24.89 2.61
N LEU B 22 -23.14 -24.89 3.23
CA LEU B 22 -21.94 -25.44 2.61
C LEU B 22 -22.10 -26.93 2.27
N GLU B 23 -22.79 -27.68 3.13
CA GLU B 23 -22.98 -29.10 2.86
C GLU B 23 -23.77 -29.28 1.56
N LYS B 24 -24.54 -28.26 1.21
CA LYS B 24 -25.37 -28.31 0.00
C LYS B 24 -24.65 -27.90 -1.28
N ILE B 25 -23.44 -27.35 -1.16
CA ILE B 25 -22.70 -26.91 -2.34
C ILE B 25 -21.38 -27.65 -2.55
N VAL B 26 -20.86 -28.28 -1.50
CA VAL B 26 -19.63 -29.05 -1.60
C VAL B 26 -19.72 -30.28 -0.69
N ASP B 27 -18.89 -31.28 -0.95
CA ASP B 27 -18.90 -32.49 -0.15
C ASP B 27 -18.19 -32.31 1.18
N THR B 28 -18.85 -31.60 2.08
CA THR B 28 -18.31 -31.34 3.41
C THR B 28 -19.42 -31.52 4.44
N SER B 29 -19.07 -31.42 5.71
CA SER B 29 -20.06 -31.58 6.77
C SER B 29 -19.81 -30.61 7.92
N ASP B 30 -20.87 -30.30 8.65
CA ASP B 30 -20.80 -29.42 9.79
C ASP B 30 -19.76 -29.93 10.80
N GLU B 31 -19.75 -31.25 10.99
CA GLU B 31 -18.83 -31.92 11.89
C GLU B 31 -17.38 -31.66 11.51
N TRP B 32 -17.05 -31.88 10.24
CA TRP B 32 -15.70 -31.70 9.74
C TRP B 32 -15.23 -30.25 9.87
N ILE B 33 -16.05 -29.33 9.37
CA ILE B 33 -15.73 -27.91 9.42
C ILE B 33 -15.51 -27.43 10.85
N THR B 34 -16.53 -27.61 11.69
CA THR B 34 -16.46 -27.18 13.08
C THR B 34 -15.22 -27.72 13.77
N THR B 35 -15.01 -29.02 13.65
CA THR B 35 -13.86 -29.69 14.28
C THR B 35 -12.52 -29.23 13.76
N ARG B 36 -12.43 -28.99 12.46
CA ARG B 36 -11.17 -28.59 11.84
C ARG B 36 -10.87 -27.10 11.79
N THR B 37 -11.90 -26.26 11.88
CA THR B 37 -11.69 -24.81 11.79
C THR B 37 -12.34 -23.97 12.89
N GLY B 38 -13.32 -24.54 13.58
CA GLY B 38 -14.02 -23.80 14.62
C GLY B 38 -15.03 -22.84 14.02
N ILE B 39 -15.19 -22.90 12.71
CA ILE B 39 -16.13 -22.01 12.04
C ILE B 39 -17.54 -22.63 11.93
N LYS B 40 -18.55 -21.79 12.16
CA LYS B 40 -19.94 -22.19 12.07
C LYS B 40 -20.65 -21.32 11.04
N GLU B 41 -20.34 -20.03 11.03
CA GLU B 41 -20.96 -19.10 10.10
C GLU B 41 -20.00 -18.05 9.57
N ARG B 42 -20.37 -17.45 8.44
CA ARG B 42 -19.60 -16.38 7.83
C ARG B 42 -20.61 -15.50 7.12
N ARG B 43 -20.26 -14.23 6.91
CA ARG B 43 -21.16 -13.31 6.23
C ARG B 43 -20.68 -13.22 4.79
N ILE B 44 -21.62 -13.07 3.86
CA ILE B 44 -21.28 -12.99 2.45
C ILE B 44 -21.90 -11.71 1.88
N ALA B 45 -21.09 -10.93 1.18
CA ALA B 45 -21.59 -9.70 0.57
C ALA B 45 -22.34 -10.05 -0.70
N LYS B 46 -23.55 -9.54 -0.84
CA LYS B 46 -24.32 -9.80 -2.04
C LYS B 46 -24.43 -8.53 -2.87
N GLU B 47 -25.04 -7.50 -2.31
CA GLU B 47 -25.21 -6.24 -3.02
C GLU B 47 -24.13 -5.23 -2.68
N GLU B 48 -23.44 -5.44 -1.57
CA GLU B 48 -22.39 -4.53 -1.15
C GLU B 48 -21.08 -4.70 -1.90
N THR B 49 -20.48 -3.58 -2.28
CA THR B 49 -19.19 -3.59 -2.94
C THR B 49 -18.19 -3.43 -1.79
N ILE B 50 -16.91 -3.63 -2.06
CA ILE B 50 -15.92 -3.48 -1.00
C ILE B 50 -15.92 -2.03 -0.53
N THR B 51 -16.14 -1.10 -1.45
CA THR B 51 -16.16 0.31 -1.10
C THR B 51 -17.28 0.61 -0.10
N TYR B 52 -18.47 0.06 -0.34
CA TYR B 52 -19.60 0.28 0.55
C TYR B 52 -19.30 -0.21 1.96
N MET B 53 -18.81 -1.45 2.08
CA MET B 53 -18.50 -2.03 3.38
C MET B 53 -17.41 -1.24 4.11
N ALA B 54 -16.36 -0.88 3.39
CA ALA B 54 -15.27 -0.11 3.99
C ALA B 54 -15.83 1.21 4.52
N THR B 55 -16.64 1.87 3.69
CA THR B 55 -17.25 3.15 4.07
C THR B 55 -18.10 3.03 5.34
N GLN B 56 -18.92 1.99 5.42
CA GLN B 56 -19.76 1.80 6.60
C GLN B 56 -18.94 1.56 7.85
N ALA B 57 -17.87 0.79 7.73
CA ALA B 57 -17.01 0.52 8.89
C ALA B 57 -16.34 1.83 9.32
N ALA B 58 -15.84 2.59 8.35
CA ALA B 58 -15.18 3.86 8.62
C ALA B 58 -16.12 4.87 9.30
N LYS B 59 -17.35 4.98 8.79
CA LYS B 59 -18.32 5.91 9.36
C LYS B 59 -18.57 5.64 10.84
N GLU B 60 -18.68 4.36 11.20
CA GLU B 60 -18.91 4.01 12.60
C GLU B 60 -17.68 4.41 13.42
N ALA B 61 -16.50 4.08 12.90
CA ALA B 61 -15.25 4.42 13.58
C ALA B 61 -15.16 5.92 13.79
N LEU B 62 -15.51 6.70 12.78
CA LEU B 62 -15.47 8.16 12.90
C LEU B 62 -16.47 8.66 13.95
N ARG B 63 -17.68 8.09 13.96
CA ARG B 63 -18.69 8.48 14.93
C ARG B 63 -18.19 8.15 16.34
N GLU B 64 -17.64 6.95 16.50
CA GLU B 64 -17.10 6.53 17.80
C GLU B 64 -16.02 7.50 18.26
N ALA B 65 -15.22 7.98 17.30
CA ALA B 65 -14.14 8.91 17.61
C ALA B 65 -14.62 10.36 17.72
N ASN B 66 -15.87 10.59 17.35
CA ASN B 66 -16.44 11.94 17.37
C ASN B 66 -15.53 12.86 16.55
N LEU B 67 -15.18 12.40 15.36
CA LEU B 67 -14.31 13.13 14.45
C LEU B 67 -14.98 13.17 13.08
N SER B 68 -14.94 14.32 12.42
CA SER B 68 -15.54 14.44 11.09
C SER B 68 -14.54 13.94 10.04
N PRO B 69 -15.05 13.43 8.91
CA PRO B 69 -14.17 12.94 7.84
C PRO B 69 -13.06 13.91 7.46
N GLU B 70 -13.36 15.20 7.39
CA GLU B 70 -12.38 16.21 7.02
C GLU B 70 -11.33 16.55 8.07
N GLU B 71 -11.41 15.90 9.23
CA GLU B 71 -10.44 16.13 10.27
C GLU B 71 -9.38 15.01 10.22
N LEU B 72 -9.46 14.17 9.20
CA LEU B 72 -8.50 13.09 9.03
C LEU B 72 -7.30 13.59 8.25
N ASP B 73 -6.12 13.08 8.56
CA ASP B 73 -4.90 13.50 7.86
C ASP B 73 -4.52 12.45 6.83
N LEU B 74 -4.95 11.22 7.06
CA LEU B 74 -4.59 10.11 6.20
C LEU B 74 -5.57 8.95 6.33
N ILE B 75 -5.75 8.22 5.23
CA ILE B 75 -6.63 7.06 5.17
C ILE B 75 -5.84 5.91 4.55
N ILE B 76 -5.75 4.79 5.25
CA ILE B 76 -5.03 3.62 4.75
C ILE B 76 -5.98 2.46 4.75
N LEU B 77 -6.12 1.83 3.59
CA LEU B 77 -7.03 0.70 3.46
C LEU B 77 -6.27 -0.53 2.97
N ALA B 78 -6.42 -1.63 3.69
CA ALA B 78 -5.75 -2.88 3.36
C ALA B 78 -6.78 -3.88 2.84
N THR B 79 -6.56 -4.38 1.63
CA THR B 79 -7.48 -5.34 1.03
C THR B 79 -6.78 -6.13 -0.06
N LEU B 80 -7.36 -7.27 -0.42
CA LEU B 80 -6.81 -8.08 -1.50
C LEU B 80 -7.91 -8.21 -2.54
N THR B 81 -9.03 -7.50 -2.32
CA THR B 81 -10.16 -7.51 -3.24
C THR B 81 -10.56 -6.06 -3.57
N PRO B 82 -9.62 -5.28 -4.12
CA PRO B 82 -9.88 -3.88 -4.48
C PRO B 82 -11.00 -3.72 -5.49
N GLN B 83 -11.72 -2.60 -5.37
CA GLN B 83 -12.83 -2.28 -6.26
C GLN B 83 -12.42 -2.27 -7.72
N LYS B 84 -11.31 -1.61 -8.03
CA LYS B 84 -10.83 -1.54 -9.40
C LYS B 84 -9.32 -1.36 -9.46
N ARG B 85 -8.78 -1.32 -10.68
CA ARG B 85 -7.35 -1.15 -10.88
C ARG B 85 -6.88 0.13 -10.20
N PHE B 86 -7.66 1.19 -10.40
CA PHE B 86 -7.41 2.49 -9.80
C PHE B 86 -8.59 3.38 -10.17
N PRO B 87 -8.93 4.35 -9.32
CA PRO B 87 -8.31 4.70 -8.04
C PRO B 87 -8.34 3.60 -6.99
N SER B 88 -7.50 3.78 -5.98
CA SER B 88 -7.42 2.84 -4.87
C SER B 88 -8.79 2.84 -4.21
N THR B 89 -9.09 1.78 -3.48
CA THR B 89 -10.37 1.69 -2.81
C THR B 89 -10.39 2.72 -1.68
N ALA B 90 -9.21 3.08 -1.18
CA ALA B 90 -9.11 4.09 -0.13
C ALA B 90 -9.64 5.43 -0.68
N CYS B 91 -9.31 5.73 -1.94
CA CYS B 91 -9.78 6.96 -2.57
C CYS B 91 -11.29 6.92 -2.77
N LEU B 92 -11.80 5.77 -3.21
CA LEU B 92 -13.23 5.63 -3.43
C LEU B 92 -13.96 5.80 -2.10
N VAL B 93 -13.42 5.20 -1.05
CA VAL B 93 -14.01 5.33 0.28
C VAL B 93 -13.98 6.78 0.74
N GLN B 94 -12.87 7.43 0.45
CA GLN B 94 -12.69 8.84 0.82
C GLN B 94 -13.80 9.71 0.22
N ALA B 95 -14.15 9.43 -1.04
CA ALA B 95 -15.20 10.19 -1.71
C ALA B 95 -16.54 9.97 -1.00
N GLN B 96 -16.84 8.71 -0.69
CA GLN B 96 -18.09 8.37 0.00
C GLN B 96 -18.17 9.00 1.39
N LEU B 97 -17.01 9.18 2.01
CA LEU B 97 -16.95 9.78 3.35
C LEU B 97 -16.96 11.29 3.26
N LYS B 98 -16.69 11.81 2.06
CA LYS B 98 -16.62 13.25 1.82
C LYS B 98 -15.40 13.84 2.54
N ALA B 99 -14.38 13.04 2.73
CA ALA B 99 -13.14 13.48 3.37
C ALA B 99 -12.32 14.19 2.29
N LYS B 100 -12.81 15.35 1.86
CA LYS B 100 -12.18 16.11 0.79
C LYS B 100 -10.68 16.42 0.95
N GLY B 101 -9.93 16.06 -0.08
CA GLY B 101 -8.49 16.31 -0.10
C GLY B 101 -7.61 15.42 0.75
N VAL B 102 -8.21 14.52 1.53
CA VAL B 102 -7.42 13.67 2.41
C VAL B 102 -6.57 12.57 1.78
N TYR B 103 -5.29 12.63 2.15
CA TYR B 103 -4.23 11.70 1.76
C TYR B 103 -4.80 10.30 1.94
N ALA B 104 -4.74 9.47 0.90
CA ALA B 104 -5.30 8.13 0.98
C ALA B 104 -4.68 7.13 0.01
N PHE B 105 -4.51 5.89 0.45
CA PHE B 105 -3.96 4.83 -0.39
C PHE B 105 -4.25 3.43 0.15
N ASP B 106 -4.11 2.42 -0.72
CA ASP B 106 -4.31 1.02 -0.32
C ASP B 106 -2.94 0.36 -0.19
N ILE B 107 -2.86 -0.69 0.62
CA ILE B 107 -1.62 -1.45 0.76
C ILE B 107 -1.97 -2.92 0.59
N SER B 108 -1.01 -3.71 0.13
CA SER B 108 -1.21 -5.14 -0.08
C SER B 108 -0.30 -5.92 0.83
N ALA B 109 -0.91 -6.72 1.69
CA ALA B 109 -0.22 -7.55 2.65
C ALA B 109 -1.15 -8.67 3.10
N ALA B 110 -2.17 -8.94 2.30
CA ALA B 110 -3.16 -9.97 2.57
C ALA B 110 -3.64 -9.94 4.02
N CYS B 111 -3.62 -11.09 4.69
CA CYS B 111 -4.07 -11.20 6.07
C CYS B 111 -3.35 -10.30 7.08
N SER B 112 -2.12 -9.88 6.76
CA SER B 112 -1.40 -9.00 7.68
C SER B 112 -1.72 -7.56 7.32
N GLY B 113 -2.69 -7.41 6.43
CA GLY B 113 -3.10 -6.08 5.97
C GLY B 113 -3.33 -5.05 7.06
N PHE B 114 -4.19 -5.38 8.01
CA PHE B 114 -4.49 -4.43 9.08
C PHE B 114 -3.31 -4.06 9.97
N ILE B 115 -2.57 -5.04 10.48
CA ILE B 115 -1.45 -4.70 11.35
C ILE B 115 -0.35 -3.94 10.59
N TYR B 116 -0.20 -4.22 9.30
CA TYR B 116 0.78 -3.50 8.49
C TYR B 116 0.32 -2.04 8.41
N ALA B 117 -0.95 -1.85 8.10
CA ALA B 117 -1.52 -0.52 7.95
C ALA B 117 -1.46 0.27 9.26
N LEU B 118 -1.72 -0.42 10.37
CA LEU B 118 -1.67 0.22 11.68
C LEU B 118 -0.23 0.60 12.02
N ASP B 119 0.71 -0.23 11.59
CA ASP B 119 2.13 0.05 11.83
C ASP B 119 2.51 1.31 11.05
N ILE B 120 2.04 1.41 9.81
CA ILE B 120 2.32 2.59 8.99
C ILE B 120 1.70 3.83 9.63
N ALA B 121 0.44 3.70 10.04
CA ALA B 121 -0.26 4.80 10.68
C ALA B 121 0.58 5.28 11.86
N ASP B 122 1.07 4.32 12.64
CA ASP B 122 1.89 4.62 13.81
C ASP B 122 3.15 5.39 13.41
N SER B 123 3.76 5.02 12.29
CA SER B 123 4.97 5.71 11.84
C SER B 123 4.68 7.18 11.51
N PHE B 124 3.51 7.44 10.92
CA PHE B 124 3.15 8.81 10.57
C PHE B 124 2.86 9.66 11.80
N ILE B 125 2.20 9.07 12.80
CA ILE B 125 1.91 9.80 14.02
C ILE B 125 3.18 10.02 14.83
N LYS B 126 4.01 8.98 14.94
CA LYS B 126 5.26 9.07 15.70
C LYS B 126 6.29 10.02 15.09
N SER B 127 6.29 10.15 13.77
CA SER B 127 7.23 11.07 13.13
C SER B 127 6.63 12.47 13.15
N GLY B 128 5.43 12.60 13.69
CA GLY B 128 4.77 13.89 13.76
C GLY B 128 4.28 14.41 12.41
N LYS B 129 4.12 13.52 11.44
CA LYS B 129 3.66 13.92 10.11
C LYS B 129 2.14 13.84 9.95
N ALA B 130 1.47 13.17 10.88
CA ALA B 130 0.02 13.05 10.84
C ALA B 130 -0.52 12.97 12.27
N LYS B 131 -1.74 13.45 12.47
CA LYS B 131 -2.34 13.42 13.80
C LYS B 131 -3.49 12.42 13.87
N ASN B 132 -4.39 12.50 12.89
CA ASN B 132 -5.55 11.61 12.85
C ASN B 132 -5.48 10.72 11.61
N VAL B 133 -5.44 9.40 11.83
CA VAL B 133 -5.35 8.45 10.72
C VAL B 133 -6.45 7.40 10.79
N LEU B 134 -7.09 7.15 9.66
CA LEU B 134 -8.16 6.15 9.56
C LEU B 134 -7.53 4.92 8.93
N VAL B 135 -7.59 3.79 9.61
CA VAL B 135 -6.99 2.55 9.11
C VAL B 135 -8.11 1.54 8.89
N ILE B 136 -8.20 1.01 7.67
CA ILE B 136 -9.26 0.08 7.35
C ILE B 136 -8.81 -1.28 6.83
N GLY B 137 -9.52 -2.31 7.29
CA GLY B 137 -9.27 -3.67 6.82
C GLY B 137 -10.60 -4.09 6.22
N ALA B 138 -10.67 -4.26 4.91
CA ALA B 138 -11.91 -4.64 4.24
C ALA B 138 -11.69 -5.69 3.16
N GLU B 139 -12.54 -6.71 3.15
CA GLU B 139 -12.39 -7.79 2.18
C GLU B 139 -13.72 -8.38 1.71
N LYS B 140 -13.81 -8.65 0.42
CA LYS B 140 -14.99 -9.30 -0.14
C LYS B 140 -14.36 -10.55 -0.72
N LEU B 141 -13.84 -11.38 0.18
CA LEU B 141 -13.16 -12.61 -0.20
C LEU B 141 -14.03 -13.54 -1.02
N SER B 142 -15.35 -13.44 -0.87
CA SER B 142 -16.23 -14.33 -1.63
C SER B 142 -15.93 -14.30 -3.14
N GLU B 143 -15.35 -13.20 -3.62
CA GLU B 143 -15.03 -13.09 -5.05
C GLU B 143 -13.74 -13.83 -5.42
N ALA B 144 -12.89 -14.09 -4.42
CA ALA B 144 -11.61 -14.75 -4.67
C ALA B 144 -11.55 -16.21 -4.23
N VAL B 145 -12.69 -16.76 -3.83
CA VAL B 145 -12.75 -18.14 -3.37
C VAL B 145 -13.16 -19.12 -4.47
N ASP B 146 -12.55 -20.30 -4.47
CA ASP B 146 -12.89 -21.34 -5.44
C ASP B 146 -14.03 -22.12 -4.77
N TRP B 147 -15.25 -21.87 -5.19
CA TRP B 147 -16.38 -22.55 -4.59
C TRP B 147 -16.51 -24.01 -5.01
N GLU B 148 -15.67 -24.46 -5.95
CA GLU B 148 -15.67 -25.85 -6.39
C GLU B 148 -14.80 -26.60 -5.35
N ASP B 149 -13.98 -25.84 -4.60
CA ASP B 149 -13.04 -26.41 -3.62
C ASP B 149 -13.40 -26.38 -2.13
N ARG B 150 -13.76 -27.55 -1.59
CA ARG B 150 -14.16 -27.67 -0.19
C ARG B 150 -13.04 -27.49 0.85
N SER B 151 -11.79 -27.69 0.42
CA SER B 151 -10.65 -27.56 1.31
C SER B 151 -10.36 -26.10 1.68
N THR B 152 -10.98 -25.17 0.97
CA THR B 152 -10.72 -23.77 1.27
C THR B 152 -11.95 -22.88 1.29
N CYS B 153 -13.02 -23.25 0.57
CA CYS B 153 -14.21 -22.41 0.53
C CYS B 153 -15.05 -22.39 1.82
N VAL B 154 -14.65 -23.15 2.83
CA VAL B 154 -15.40 -23.18 4.09
C VAL B 154 -14.76 -22.28 5.14
N LEU B 155 -13.63 -21.66 4.77
CA LEU B 155 -12.88 -20.82 5.69
C LEU B 155 -13.08 -19.31 5.61
N PHE B 156 -13.57 -18.81 4.49
CA PHE B 156 -13.67 -17.38 4.33
C PHE B 156 -15.02 -16.70 4.33
N GLY B 157 -14.99 -15.43 4.76
CA GLY B 157 -16.19 -14.61 4.81
C GLY B 157 -15.83 -13.20 4.37
N ASP B 158 -16.84 -12.35 4.28
CA ASP B 158 -16.64 -10.96 3.87
C ASP B 158 -16.88 -10.02 5.06
N GLY B 159 -16.23 -8.88 5.03
CA GLY B 159 -16.41 -7.93 6.11
C GLY B 159 -15.43 -6.77 6.04
N ALA B 160 -15.67 -5.77 6.90
CA ALA B 160 -14.81 -4.59 6.97
C ALA B 160 -14.69 -4.16 8.43
N GLY B 161 -13.49 -3.74 8.80
CA GLY B 161 -13.23 -3.26 10.14
C GLY B 161 -12.39 -2.02 10.02
N ALA B 162 -12.59 -1.06 10.91
CA ALA B 162 -11.84 0.18 10.86
C ALA B 162 -11.55 0.75 12.24
N VAL B 163 -10.44 1.49 12.34
CA VAL B 163 -10.09 2.13 13.60
C VAL B 163 -9.61 3.53 13.24
N VAL B 164 -9.79 4.46 14.17
CA VAL B 164 -9.32 5.81 13.99
C VAL B 164 -8.30 5.97 15.09
N VAL B 165 -7.06 6.27 14.73
CA VAL B 165 -6.01 6.48 15.73
C VAL B 165 -5.59 7.93 15.69
N THR B 166 -5.17 8.45 16.83
CA THR B 166 -4.75 9.84 16.91
C THR B 166 -3.55 9.96 17.84
N ARG B 167 -2.97 11.15 17.89
CA ARG B 167 -1.84 11.38 18.78
C ARG B 167 -2.49 11.91 20.04
N SER B 168 -2.32 11.20 21.15
CA SER B 168 -2.89 11.65 22.42
C SER B 168 -1.80 12.07 23.36
N GLU B 169 -2.20 12.80 24.40
CA GLU B 169 -1.28 13.27 25.42
C GLU B 169 -1.49 12.44 26.67
N ASP B 170 -1.80 11.17 26.49
CA ASP B 170 -1.99 10.26 27.62
C ASP B 170 -1.20 8.97 27.38
N LYS B 171 -1.30 8.01 28.29
CA LYS B 171 -0.55 6.77 28.17
C LYS B 171 -0.97 5.79 27.07
N SER B 172 -2.06 6.07 26.37
CA SER B 172 -2.47 5.16 25.29
C SER B 172 -1.37 5.22 24.23
N ASP B 173 -0.93 4.07 23.75
CA ASP B 173 0.13 4.07 22.75
C ASP B 173 0.47 2.68 22.23
N ILE B 174 1.01 2.64 21.01
CA ILE B 174 1.45 1.39 20.42
C ILE B 174 2.86 1.26 20.98
N LEU B 175 3.08 0.25 21.81
CA LEU B 175 4.37 0.03 22.47
C LEU B 175 5.46 -0.59 21.61
N ALA B 176 5.10 -1.56 20.80
CA ALA B 176 6.10 -2.20 19.96
C ALA B 176 5.41 -2.94 18.83
N THR B 177 6.08 -2.98 17.68
CA THR B 177 5.56 -3.67 16.52
C THR B 177 6.72 -4.34 15.82
N ARG B 178 6.42 -5.41 15.10
CA ARG B 178 7.43 -6.12 14.34
C ARG B 178 6.72 -6.76 13.17
N MET B 179 7.15 -6.44 11.95
CA MET B 179 6.54 -6.99 10.75
C MET B 179 7.61 -7.71 9.95
N TYR B 180 7.24 -8.86 9.38
CA TYR B 180 8.15 -9.65 8.56
C TYR B 180 7.43 -10.09 7.31
N ALA B 181 8.20 -10.55 6.34
CA ALA B 181 7.67 -11.06 5.09
C ALA B 181 8.68 -12.08 4.56
N GLU B 182 8.20 -13.09 3.85
CA GLU B 182 9.09 -14.09 3.30
C GLU B 182 8.53 -14.56 1.96
N GLY B 183 8.98 -13.91 0.89
CA GLY B 183 8.51 -14.23 -0.44
C GLY B 183 8.84 -15.62 -0.97
N SER B 184 9.97 -16.18 -0.56
CA SER B 184 10.34 -17.51 -1.04
C SER B 184 9.30 -18.56 -0.64
N LEU B 185 8.41 -18.19 0.28
CA LEU B 185 7.37 -19.11 0.74
C LEU B 185 5.99 -18.76 0.18
N GLU B 186 6.00 -18.18 -1.01
CA GLU B 186 4.78 -17.81 -1.73
C GLU B 186 3.85 -19.01 -1.94
N GLU B 187 4.45 -20.15 -2.27
CA GLU B 187 3.69 -21.37 -2.54
C GLU B 187 2.77 -21.88 -1.44
N LEU B 188 3.07 -21.54 -0.19
CA LEU B 188 2.24 -21.99 0.92
C LEU B 188 0.85 -21.34 0.93
N LEU B 189 0.79 -20.10 0.45
CA LEU B 189 -0.45 -19.35 0.43
C LEU B 189 -0.36 -18.26 -0.62
N HIS B 190 -1.01 -18.48 -1.76
CA HIS B 190 -0.97 -17.52 -2.85
C HIS B 190 -2.23 -17.56 -3.71
N ALA B 191 -2.32 -16.59 -4.62
CA ALA B 191 -3.44 -16.53 -5.55
C ALA B 191 -2.87 -17.12 -6.84
N ASP B 192 -3.67 -17.88 -7.59
CA ASP B 192 -3.14 -18.43 -8.82
C ASP B 192 -3.25 -17.38 -9.93
N ASN B 193 -3.01 -17.80 -11.17
CA ASN B 193 -3.06 -16.92 -12.32
C ASN B 193 -4.44 -16.31 -12.55
N CYS B 194 -5.44 -16.83 -11.83
CA CYS B 194 -6.81 -16.35 -11.97
C CYS B 194 -7.31 -15.55 -10.78
N GLY B 195 -6.49 -15.46 -9.73
CA GLY B 195 -6.88 -14.70 -8.55
C GLY B 195 -7.48 -15.54 -7.44
N TYR B 196 -7.69 -16.83 -7.71
CA TYR B 196 -8.27 -17.74 -6.71
C TYR B 196 -7.31 -18.06 -5.58
N ILE B 197 -7.85 -18.10 -4.35
CA ILE B 197 -7.06 -18.40 -3.17
C ILE B 197 -6.63 -19.88 -3.13
N ARG B 198 -5.32 -20.11 -3.12
CA ARG B 198 -4.77 -21.46 -3.06
C ARG B 198 -3.82 -21.56 -1.86
N MET B 199 -3.65 -22.77 -1.33
CA MET B 199 -2.78 -22.93 -0.18
C MET B 199 -2.35 -24.38 0.09
N LYS B 200 -1.25 -24.50 0.82
CA LYS B 200 -0.72 -25.79 1.23
C LYS B 200 -1.06 -25.82 2.71
N GLY B 201 -2.34 -26.09 2.98
CA GLY B 201 -2.87 -26.12 4.32
C GLY B 201 -2.04 -26.61 5.49
N ARG B 202 -1.53 -27.84 5.40
CA ARG B 202 -0.77 -28.43 6.49
C ARG B 202 0.57 -27.74 6.75
N GLU B 203 1.26 -27.36 5.69
CA GLU B 203 2.55 -26.68 5.82
C GLU B 203 2.34 -25.26 6.36
N LEU B 204 1.28 -24.62 5.89
CA LEU B 204 0.94 -23.27 6.32
C LEU B 204 0.53 -23.24 7.79
N PHE B 205 -0.13 -24.30 8.24
CA PHE B 205 -0.58 -24.41 9.62
C PHE B 205 0.62 -24.43 10.56
N LYS B 206 1.60 -25.28 10.24
CA LYS B 206 2.79 -25.39 11.05
C LYS B 206 3.61 -24.11 11.05
N VAL B 207 3.94 -23.60 9.87
CA VAL B 207 4.72 -22.37 9.75
C VAL B 207 4.02 -21.20 10.44
N ALA B 208 2.69 -21.21 10.42
CA ALA B 208 1.90 -20.15 11.04
C ALA B 208 2.16 -19.99 12.53
N VAL B 209 2.10 -21.10 13.27
CA VAL B 209 2.32 -21.04 14.72
C VAL B 209 3.72 -20.60 15.11
N ARG B 210 4.73 -21.22 14.49
CA ARG B 210 6.12 -20.89 14.79
C ARG B 210 6.41 -19.39 14.59
N SER B 211 6.15 -18.90 13.39
CA SER B 211 6.40 -17.50 13.04
C SER B 211 5.61 -16.53 13.91
N MET B 212 4.34 -16.84 14.17
CA MET B 212 3.52 -15.97 15.00
C MET B 212 4.01 -15.96 16.44
N GLU B 213 4.41 -17.11 16.97
CA GLU B 213 4.91 -17.16 18.35
C GLU B 213 6.16 -16.30 18.46
N GLU B 214 7.08 -16.47 17.51
CA GLU B 214 8.33 -15.74 17.49
C GLU B 214 8.12 -14.23 17.43
N VAL B 215 7.30 -13.76 16.50
CA VAL B 215 7.08 -12.33 16.39
C VAL B 215 6.36 -11.78 17.63
N CYS B 216 5.47 -12.58 18.21
CA CYS B 216 4.76 -12.15 19.42
C CYS B 216 5.79 -12.00 20.56
N ARG B 217 6.65 -13.01 20.71
CA ARG B 217 7.67 -12.95 21.75
C ARG B 217 8.57 -11.74 21.52
N GLU B 218 8.86 -11.45 20.26
CA GLU B 218 9.73 -10.33 19.94
C GLU B 218 9.14 -8.97 20.36
N VAL B 219 7.85 -8.72 20.11
CA VAL B 219 7.29 -7.44 20.52
C VAL B 219 7.17 -7.37 22.03
N LEU B 220 6.98 -8.52 22.66
CA LEU B 220 6.87 -8.55 24.11
C LEU B 220 8.20 -8.22 24.81
N GLU B 221 9.32 -8.86 24.44
CA GLU B 221 10.59 -8.54 25.11
C GLU B 221 10.98 -7.11 24.73
N LYS B 222 10.52 -6.64 23.58
CA LYS B 222 10.82 -5.28 23.15
C LYS B 222 10.11 -4.27 24.06
N ALA B 223 8.86 -4.58 24.41
CA ALA B 223 8.08 -3.72 25.29
C ALA B 223 8.36 -3.95 26.76
N GLY B 224 9.20 -4.93 27.06
CA GLY B 224 9.54 -5.24 28.45
C GLY B 224 8.39 -5.87 29.23
N VAL B 225 7.57 -6.68 28.56
CA VAL B 225 6.45 -7.32 29.25
C VAL B 225 6.31 -8.80 28.91
N LYS B 226 5.79 -9.55 29.86
CA LYS B 226 5.59 -10.99 29.70
C LYS B 226 4.19 -11.32 29.19
N PRO B 227 4.01 -12.53 28.66
CA PRO B 227 2.69 -12.92 28.15
C PRO B 227 1.67 -12.79 29.30
N GLU B 228 2.11 -13.11 30.50
CA GLU B 228 1.26 -13.05 31.69
C GLU B 228 0.76 -11.62 31.95
N GLU B 229 1.48 -10.63 31.42
CA GLU B 229 1.11 -9.24 31.62
C GLU B 229 0.17 -8.70 30.52
N VAL B 230 -0.12 -9.54 29.53
CA VAL B 230 -1.03 -9.16 28.44
C VAL B 230 -2.49 -9.35 28.87
N SER B 231 -3.33 -8.35 28.64
CA SER B 231 -4.73 -8.44 29.03
C SER B 231 -5.51 -9.26 28.00
N LEU B 232 -5.26 -8.98 26.73
CA LEU B 232 -5.98 -9.70 25.69
C LEU B 232 -5.18 -9.89 24.42
N VAL B 233 -5.30 -11.07 23.82
CA VAL B 233 -4.63 -11.39 22.58
C VAL B 233 -5.72 -11.41 21.51
N ILE B 234 -5.52 -10.62 20.46
CA ILE B 234 -6.47 -10.55 19.37
C ILE B 234 -5.71 -10.99 18.12
N PRO B 235 -5.75 -12.29 17.82
CA PRO B 235 -5.05 -12.82 16.65
C PRO B 235 -5.92 -12.76 15.42
N HIS B 236 -5.29 -12.88 14.26
CA HIS B 236 -6.03 -12.91 13.02
C HIS B 236 -6.89 -14.16 13.17
N GLN B 237 -8.15 -14.09 12.73
CA GLN B 237 -9.06 -15.22 12.86
C GLN B 237 -8.92 -16.21 11.69
N ALA B 238 -7.79 -16.91 11.63
CA ALA B 238 -7.54 -17.88 10.56
C ALA B 238 -8.09 -19.27 10.88
N ASN B 239 -7.67 -19.82 12.01
CA ASN B 239 -8.12 -21.15 12.41
C ASN B 239 -8.03 -21.30 13.92
N VAL B 240 -9.16 -21.58 14.56
CA VAL B 240 -9.19 -21.70 16.01
C VAL B 240 -8.12 -22.64 16.54
N ARG B 241 -7.77 -23.66 15.76
CA ARG B 241 -6.75 -24.62 16.19
C ARG B 241 -5.36 -23.99 16.17
N ILE B 242 -5.12 -23.11 15.21
CA ILE B 242 -3.82 -22.43 15.14
C ILE B 242 -3.77 -21.43 16.28
N ILE B 243 -4.92 -20.83 16.57
CA ILE B 243 -5.03 -19.86 17.65
C ILE B 243 -4.70 -20.54 18.97
N ASN B 244 -5.23 -21.74 19.16
CA ASN B 244 -4.99 -22.48 20.39
C ASN B 244 -3.54 -22.90 20.53
N ALA B 245 -2.93 -23.31 19.41
CA ALA B 245 -1.53 -23.72 19.41
C ALA B 245 -0.62 -22.55 19.81
N LEU B 246 -0.96 -21.37 19.30
CA LEU B 246 -0.18 -20.17 19.60
C LEU B 246 -0.35 -19.81 21.07
N ALA B 247 -1.59 -19.78 21.53
CA ALA B 247 -1.89 -19.45 22.92
C ALA B 247 -1.16 -20.41 23.85
N GLU B 248 -1.10 -21.67 23.44
CA GLU B 248 -0.43 -22.70 24.21
C GLU B 248 1.06 -22.41 24.29
N LYS B 249 1.68 -22.08 23.15
CA LYS B 249 3.10 -21.78 23.12
C LYS B 249 3.45 -20.56 23.96
N LEU B 250 2.61 -19.52 23.90
CA LEU B 250 2.85 -18.30 24.67
C LEU B 250 2.46 -18.47 26.13
N ASN B 251 1.83 -19.59 26.45
CA ASN B 251 1.39 -19.89 27.82
C ASN B 251 0.36 -18.86 28.27
N ILE B 252 -0.56 -18.53 27.36
CA ILE B 252 -1.62 -17.58 27.64
C ILE B 252 -2.95 -18.33 27.67
N PRO B 253 -3.68 -18.26 28.79
CA PRO B 253 -4.96 -18.96 28.90
C PRO B 253 -5.96 -18.53 27.85
N LYS B 254 -6.80 -19.46 27.41
CA LYS B 254 -7.81 -19.19 26.39
C LYS B 254 -8.72 -18.03 26.77
N GLU B 255 -8.86 -17.79 28.08
CA GLU B 255 -9.70 -16.70 28.58
C GLU B 255 -9.16 -15.35 28.10
N LYS B 256 -7.88 -15.31 27.75
CA LYS B 256 -7.25 -14.07 27.29
C LYS B 256 -7.08 -13.99 25.77
N VAL B 257 -7.63 -14.98 25.06
CA VAL B 257 -7.53 -15.02 23.61
C VAL B 257 -8.92 -14.81 22.99
N PHE B 258 -9.08 -13.70 22.28
CA PHE B 258 -10.37 -13.38 21.67
C PHE B 258 -10.55 -13.99 20.30
N VAL B 259 -11.69 -14.67 20.12
CA VAL B 259 -12.00 -15.33 18.88
C VAL B 259 -13.48 -15.14 18.52
N ASN B 260 -13.75 -14.77 17.26
CA ASN B 260 -15.12 -14.63 16.79
C ASN B 260 -15.17 -15.19 15.37
N ILE B 261 -14.28 -16.16 15.11
CA ILE B 261 -14.20 -16.81 13.81
C ILE B 261 -15.39 -17.76 13.65
N GLN B 262 -16.00 -18.16 14.76
CA GLN B 262 -17.14 -19.07 14.73
C GLN B 262 -18.33 -18.45 14.01
N LYS B 263 -18.42 -17.11 14.01
CA LYS B 263 -19.53 -16.44 13.35
C LYS B 263 -19.20 -15.59 12.13
N TYR B 264 -17.92 -15.33 11.88
CA TYR B 264 -17.52 -14.51 10.74
C TYR B 264 -16.50 -15.20 9.85
N GLY B 265 -16.01 -16.36 10.29
CA GLY B 265 -15.01 -17.05 9.52
C GLY B 265 -13.75 -16.21 9.44
N ASN B 266 -12.93 -16.47 8.43
CA ASN B 266 -11.67 -15.76 8.20
C ASN B 266 -11.96 -14.62 7.21
N THR B 267 -11.79 -13.37 7.65
CA THR B 267 -12.05 -12.22 6.79
C THR B 267 -10.78 -11.44 6.44
N SER B 268 -9.67 -12.17 6.40
CA SER B 268 -8.38 -11.61 6.05
C SER B 268 -8.08 -10.29 6.76
N ALA B 269 -7.80 -9.24 5.98
CA ALA B 269 -7.46 -7.94 6.56
C ALA B 269 -8.49 -7.38 7.54
N ALA B 270 -9.75 -7.73 7.36
CA ALA B 270 -10.80 -7.22 8.24
C ALA B 270 -10.88 -7.96 9.58
N SER B 271 -10.28 -9.14 9.62
CA SER B 271 -10.32 -9.99 10.80
C SER B 271 -10.04 -9.34 12.15
N ILE B 272 -8.85 -8.77 12.30
CA ILE B 272 -8.48 -8.14 13.57
C ILE B 272 -9.32 -6.94 13.96
N PRO B 273 -9.51 -5.96 13.06
CA PRO B 273 -10.33 -4.82 13.49
C PRO B 273 -11.77 -5.21 13.85
N ILE B 274 -12.31 -6.26 13.24
CA ILE B 274 -13.66 -6.69 13.57
C ILE B 274 -13.68 -7.29 14.98
N ALA B 275 -12.69 -8.13 15.28
CA ALA B 275 -12.56 -8.75 16.60
C ALA B 275 -12.33 -7.69 17.67
N LEU B 276 -11.48 -6.70 17.35
CA LEU B 276 -11.18 -5.60 18.28
C LEU B 276 -12.45 -4.84 18.66
N HIS B 277 -13.20 -4.43 17.64
CA HIS B 277 -14.45 -3.70 17.83
C HIS B 277 -15.39 -4.48 18.76
N GLU B 278 -15.58 -5.77 18.48
CA GLU B 278 -16.46 -6.60 19.31
C GLU B 278 -15.93 -6.71 20.73
N ALA B 279 -14.62 -6.96 20.86
CA ALA B 279 -14.01 -7.07 22.18
C ALA B 279 -14.28 -5.79 22.97
N ILE B 280 -14.15 -4.64 22.32
CA ILE B 280 -14.40 -3.37 22.99
C ILE B 280 -15.87 -3.27 23.41
N LYS B 281 -16.76 -3.55 22.47
CA LYS B 281 -18.20 -3.48 22.74
C LYS B 281 -18.64 -4.42 23.85
N GLU B 282 -17.98 -5.57 23.97
CA GLU B 282 -18.36 -6.53 25.00
C GLU B 282 -17.64 -6.29 26.32
N GLY B 283 -17.03 -5.12 26.47
CA GLY B 283 -16.33 -4.77 27.69
C GLY B 283 -15.07 -5.55 27.98
N LYS B 284 -14.54 -6.25 26.98
CA LYS B 284 -13.32 -7.04 27.16
C LYS B 284 -12.04 -6.24 27.01
N VAL B 285 -12.16 -4.96 26.65
CA VAL B 285 -11.00 -4.11 26.47
C VAL B 285 -11.21 -2.78 27.18
N LYS B 286 -10.34 -2.46 28.13
CA LYS B 286 -10.45 -1.19 28.84
C LYS B 286 -9.16 -0.39 28.75
N ARG B 287 -9.28 0.93 28.86
CA ARG B 287 -8.11 1.78 28.78
C ARG B 287 -7.06 1.31 29.78
N GLY B 288 -5.82 1.13 29.31
CA GLY B 288 -4.77 0.66 30.19
C GLY B 288 -4.40 -0.77 29.90
N ASP B 289 -5.33 -1.54 29.34
CA ASP B 289 -5.05 -2.95 29.02
C ASP B 289 -4.00 -3.10 27.92
N LEU B 290 -3.14 -4.10 28.07
CA LEU B 290 -2.13 -4.35 27.05
C LEU B 290 -2.76 -5.34 26.08
N ILE B 291 -2.86 -4.94 24.82
CA ILE B 291 -3.45 -5.77 23.79
C ILE B 291 -2.40 -6.22 22.76
N LEU B 292 -2.37 -7.52 22.49
CA LEU B 292 -1.43 -8.09 21.53
C LEU B 292 -2.17 -8.56 20.27
N MET B 293 -1.83 -7.96 19.13
CA MET B 293 -2.44 -8.34 17.86
C MET B 293 -1.38 -9.04 17.04
N THR B 294 -1.75 -10.11 16.35
CA THR B 294 -0.78 -10.84 15.54
C THR B 294 -1.50 -11.54 14.40
N ALA B 295 -0.79 -11.73 13.29
CA ALA B 295 -1.36 -12.36 12.13
C ALA B 295 -0.28 -12.83 11.17
N MET B 296 -0.69 -13.69 10.24
CA MET B 296 0.18 -14.21 9.19
C MET B 296 -0.70 -14.39 7.96
N GLY B 297 -0.25 -13.90 6.82
CA GLY B 297 -1.05 -14.03 5.60
C GLY B 297 -0.26 -14.35 4.35
N GLY B 298 -0.97 -14.32 3.21
CA GLY B 298 -0.36 -14.60 1.93
C GLY B 298 0.89 -13.79 1.65
N GLY B 299 1.80 -14.38 0.89
CA GLY B 299 3.06 -13.76 0.56
C GLY B 299 3.96 -14.23 1.66
N LEU B 300 3.27 -14.59 2.72
CA LEU B 300 3.81 -15.07 3.96
C LEU B 300 4.13 -13.90 4.85
N THR B 301 3.28 -12.88 4.80
CA THR B 301 3.49 -11.72 5.65
C THR B 301 3.05 -12.13 7.05
N TRP B 302 3.67 -11.56 8.07
CA TRP B 302 3.31 -11.85 9.45
C TRP B 302 3.91 -10.79 10.37
N GLY B 303 3.31 -10.61 11.53
CA GLY B 303 3.82 -9.61 12.46
C GLY B 303 3.01 -9.56 13.73
N ALA B 304 3.36 -8.61 14.60
CA ALA B 304 2.66 -8.45 15.86
C ALA B 304 2.71 -6.99 16.29
N VAL B 305 1.68 -6.59 17.01
CA VAL B 305 1.58 -5.25 17.54
C VAL B 305 1.16 -5.38 19.00
N LEU B 306 1.89 -4.72 19.88
CA LEU B 306 1.54 -4.72 21.31
C LEU B 306 1.23 -3.27 21.60
N LEU B 307 0.07 -3.00 22.19
CA LEU B 307 -0.31 -1.63 22.49
C LEU B 307 -1.04 -1.53 23.83
N ARG B 308 -1.04 -0.31 24.38
CA ARG B 308 -1.73 -0.03 25.62
C ARG B 308 -2.98 0.70 25.15
N TYR B 309 -4.16 0.11 25.35
CA TYR B 309 -5.39 0.73 24.90
C TYR B 309 -5.59 2.11 25.53
#